data_2TS1
#
_entry.id   2TS1
#
_cell.length_a   64.460
_cell.length_b   64.460
_cell.length_c   237.600
_cell.angle_alpha   90.00
_cell.angle_beta   90.00
_cell.angle_gamma   120.00
#
_symmetry.space_group_name_H-M   'P 31 2 1'
#
loop_
_entity.id
_entity.type
_entity.pdbx_description
1 polymer 'TYROSYL-TRNA SYNTHETASE'
2 water water
#
_entity_poly.entity_id   1
_entity_poly.type   'polypeptide(L)'
_entity_poly.pdbx_seq_one_letter_code
;MDLLAELQWRGLVNQTTDEDGLRKLLNEERVTLYCGFDPTADSLHIGHLATILTMRRFQQAGHRPIALVGGATGLIGDPS
GKKSERTLNAKETVEAWSARIKEQLGRFLDFEADGNPAKIKNNYDWIGPLDVITFLRDVGKHFSVNYMMAKESVQSRIET
GISFTEFSYMMLQAYDFLRLYETEGCRLQIGGSDQWGNITAGLELIRKTKGEARAFGLTIPLVTKADGTKFGKTESGTIW
LDKEKTSPYEFYQFWINTDDRDVIRYLKYFTFLSKEEIEALEQELREAPEKRAAQKTLAEEVTKLVHGEEALRQAIRISE
ALFSGDIANLTAAEIEQGFKDVPSFVHEGGDVPLVELLVSAGISPSKRQAREDIQNGAIYVNGERLQDVGAILTAEHRLE
GRFTVIRRGKKKYYLIRYA
;
_entity_poly.pdbx_strand_id   A
#
# COMPACT_ATOMS: atom_id res chain seq x y z
N MET A 1 -10.74 -11.70 -12.10
CA MET A 1 -12.10 -12.26 -12.54
C MET A 1 -13.01 -12.21 -11.31
N ASP A 2 -12.88 -13.22 -10.48
CA ASP A 2 -13.66 -13.18 -9.22
C ASP A 2 -12.78 -12.42 -8.21
N LEU A 3 -11.46 -12.62 -8.17
CA LEU A 3 -10.68 -11.78 -7.20
C LEU A 3 -10.97 -10.30 -7.50
N LEU A 4 -10.78 -9.92 -8.76
CA LEU A 4 -10.95 -8.54 -9.20
C LEU A 4 -12.34 -8.00 -8.98
N ALA A 5 -13.35 -8.80 -9.16
CA ALA A 5 -14.74 -8.51 -8.94
C ALA A 5 -14.95 -8.33 -7.44
N GLU A 6 -14.22 -9.10 -6.64
CA GLU A 6 -14.42 -8.99 -5.21
C GLU A 6 -13.83 -7.70 -4.69
N LEU A 7 -12.69 -7.34 -5.21
CA LEU A 7 -12.01 -6.09 -4.74
C LEU A 7 -12.88 -4.89 -5.02
N GLN A 8 -13.53 -5.02 -6.15
CA GLN A 8 -14.42 -4.02 -6.73
C GLN A 8 -15.60 -3.94 -5.78
N TRP A 9 -16.24 -5.04 -5.45
CA TRP A 9 -17.36 -5.02 -4.51
C TRP A 9 -16.97 -4.32 -3.20
N ARG A 10 -15.74 -4.60 -2.76
CA ARG A 10 -15.15 -4.05 -1.56
C ARG A 10 -14.77 -2.60 -1.65
N GLY A 11 -14.54 -2.07 -2.83
CA GLY A 11 -14.11 -0.74 -3.07
C GLY A 11 -12.60 -0.56 -3.00
N LEU A 12 -11.79 -1.55 -3.27
CA LEU A 12 -10.33 -1.43 -3.21
C LEU A 12 -9.65 -1.09 -4.55
N VAL A 13 -10.49 -0.87 -5.57
CA VAL A 13 -10.05 -0.53 -6.93
C VAL A 13 -10.34 0.96 -7.21
N ASN A 14 -9.26 1.74 -7.30
CA ASN A 14 -9.43 3.16 -7.59
C ASN A 14 -9.39 3.24 -9.11
N GLN A 15 -8.26 2.79 -9.64
CA GLN A 15 -7.93 2.75 -11.06
C GLN A 15 -7.12 1.48 -11.40
N THR A 16 -7.18 1.25 -12.69
CA THR A 16 -6.48 0.10 -13.32
C THR A 16 -6.07 0.48 -14.73
N THR A 17 -4.82 0.11 -15.08
CA THR A 17 -4.36 0.42 -16.42
C THR A 17 -5.16 -0.32 -17.48
N ASP A 18 -5.71 -1.49 -17.31
CA ASP A 18 -6.50 -2.21 -18.34
C ASP A 18 -7.07 -3.42 -17.56
N GLU A 19 -8.31 -3.21 -17.22
CA GLU A 19 -9.06 -4.12 -16.38
C GLU A 19 -9.26 -5.49 -16.98
N ASP A 20 -9.70 -5.52 -18.22
CA ASP A 20 -9.92 -6.83 -18.93
C ASP A 20 -8.66 -7.62 -19.19
N GLY A 21 -7.56 -6.92 -19.48
CA GLY A 21 -6.27 -7.57 -19.71
C GLY A 21 -5.75 -8.14 -18.38
N LEU A 22 -5.97 -7.40 -17.29
CA LEU A 22 -5.54 -7.83 -15.97
C LEU A 22 -6.42 -8.96 -15.43
N ARG A 23 -7.75 -8.82 -15.63
CA ARG A 23 -8.64 -9.88 -15.19
C ARG A 23 -8.21 -11.21 -15.82
N LYS A 24 -8.00 -11.18 -17.09
CA LYS A 24 -7.58 -12.22 -17.98
C LYS A 24 -6.35 -12.93 -17.47
N LEU A 25 -5.22 -12.26 -17.33
CA LEU A 25 -3.98 -12.75 -16.78
C LEU A 25 -4.12 -13.30 -15.36
N LEU A 26 -4.90 -12.62 -14.51
CA LEU A 26 -5.08 -13.06 -13.13
C LEU A 26 -5.72 -14.46 -13.19
N ASN A 27 -6.66 -14.61 -14.07
CA ASN A 27 -7.44 -15.82 -14.33
C ASN A 27 -6.60 -16.88 -15.00
N GLU A 28 -5.61 -16.59 -15.80
CA GLU A 28 -4.82 -17.64 -16.43
C GLU A 28 -3.51 -17.96 -15.76
N GLU A 29 -2.94 -17.14 -14.89
CA GLU A 29 -1.62 -17.44 -14.32
C GLU A 29 -1.40 -16.99 -12.90
N ARG A 30 -0.33 -17.48 -12.28
CA ARG A 30 0.07 -17.00 -10.92
C ARG A 30 0.86 -15.72 -11.33
N VAL A 31 0.28 -14.64 -10.88
CA VAL A 31 0.79 -13.31 -11.13
C VAL A 31 1.70 -12.91 -9.98
N THR A 32 2.85 -12.39 -10.38
CA THR A 32 3.81 -11.80 -9.45
C THR A 32 3.45 -10.28 -9.42
N LEU A 33 3.10 -9.79 -8.28
CA LEU A 33 2.75 -8.34 -8.15
C LEU A 33 3.68 -7.82 -7.04
N TYR A 34 3.80 -6.50 -6.96
CA TYR A 34 4.62 -5.90 -5.88
C TYR A 34 3.95 -4.61 -5.41
N CYS A 35 4.41 -4.16 -4.26
CA CYS A 35 3.93 -2.87 -3.67
C CYS A 35 5.16 -2.25 -2.99
N GLY A 36 5.44 -0.97 -3.05
CA GLY A 36 6.59 -0.32 -2.43
C GLY A 36 6.30 0.36 -1.11
N PHE A 37 7.16 0.29 -0.09
CA PHE A 37 6.84 1.04 1.18
C PHE A 37 8.14 1.71 1.56
N ASP A 38 8.08 2.99 1.65
CA ASP A 38 9.27 3.82 1.99
C ASP A 38 9.29 4.11 3.49
N PRO A 39 10.45 3.88 4.06
CA PRO A 39 10.63 4.20 5.50
C PRO A 39 10.70 5.73 5.60
N THR A 40 9.64 6.26 6.15
CA THR A 40 9.44 7.67 6.44
C THR A 40 9.24 7.78 7.96
N ALA A 41 9.34 6.69 8.68
CA ALA A 41 9.24 6.57 10.13
C ALA A 41 9.71 5.14 10.52
N ASP A 42 9.79 4.92 11.83
CA ASP A 42 10.27 3.64 12.38
C ASP A 42 9.19 2.56 12.51
N SER A 43 8.02 2.90 11.99
CA SER A 43 6.84 2.07 11.94
C SER A 43 5.88 2.50 10.83
N LEU A 44 5.19 1.48 10.37
CA LEU A 44 4.13 1.66 9.37
C LEU A 44 2.94 2.18 10.19
N HIS A 45 1.88 2.60 9.58
CA HIS A 45 0.71 3.06 10.36
C HIS A 45 -0.47 2.53 9.61
N ILE A 46 -1.68 2.77 10.02
CA ILE A 46 -2.95 2.34 9.47
C ILE A 46 -3.21 2.86 8.06
N GLY A 47 -2.43 3.85 7.63
CA GLY A 47 -2.47 4.46 6.31
C GLY A 47 -1.94 3.46 5.30
N HIS A 48 -1.13 2.53 5.73
CA HIS A 48 -0.60 1.46 4.91
C HIS A 48 -1.38 0.16 4.93
N LEU A 49 -2.35 0.01 5.78
CA LEU A 49 -3.07 -1.27 5.91
C LEU A 49 -3.84 -1.69 4.69
N ALA A 50 -4.44 -0.78 3.97
CA ALA A 50 -5.20 -1.14 2.75
C ALA A 50 -4.34 -1.76 1.66
N THR A 51 -3.23 -1.15 1.25
CA THR A 51 -2.41 -1.84 0.27
C THR A 51 -1.89 -3.13 0.82
N ILE A 52 -1.46 -3.18 2.06
CA ILE A 52 -0.93 -4.39 2.71
C ILE A 52 -1.88 -5.57 2.70
N LEU A 53 -3.11 -5.35 3.20
CA LEU A 53 -4.11 -6.44 3.26
C LEU A 53 -4.50 -6.78 1.83
N THR A 54 -4.47 -5.79 0.94
CA THR A 54 -4.80 -6.05 -0.45
C THR A 54 -3.79 -7.02 -1.04
N MET A 55 -2.51 -6.87 -0.65
CA MET A 55 -1.47 -7.76 -1.11
C MET A 55 -1.82 -9.23 -0.73
N ARG A 56 -2.24 -9.33 0.51
CA ARG A 56 -2.66 -10.51 1.19
C ARG A 56 -3.81 -11.25 0.51
N ARG A 57 -4.76 -10.50 0.09
CA ARG A 57 -5.96 -10.94 -0.64
C ARG A 57 -5.46 -11.51 -1.98
N PHE A 58 -4.47 -10.84 -2.55
CA PHE A 58 -3.91 -11.35 -3.84
C PHE A 58 -3.24 -12.67 -3.49
N GLN A 59 -2.45 -12.79 -2.43
CA GLN A 59 -1.80 -14.08 -2.10
C GLN A 59 -2.75 -15.23 -1.83
N GLN A 60 -3.86 -14.99 -1.16
CA GLN A 60 -4.91 -15.98 -0.85
C GLN A 60 -5.60 -16.56 -2.10
N ALA A 61 -5.67 -15.80 -3.18
CA ALA A 61 -6.20 -16.09 -4.48
C ALA A 61 -5.12 -16.76 -5.35
N GLY A 62 -3.96 -17.10 -4.78
CA GLY A 62 -2.94 -17.81 -5.51
C GLY A 62 -1.83 -17.07 -6.13
N HIS A 63 -1.72 -15.75 -5.93
CA HIS A 63 -0.64 -14.96 -6.56
C HIS A 63 0.51 -14.68 -5.60
N ARG A 64 1.59 -14.28 -6.28
CA ARG A 64 2.84 -14.08 -5.49
C ARG A 64 3.20 -12.65 -5.24
N PRO A 65 3.14 -12.25 -3.96
CA PRO A 65 3.47 -10.89 -3.56
C PRO A 65 4.89 -10.57 -3.13
N ILE A 66 5.35 -9.42 -3.63
CA ILE A 66 6.67 -8.89 -3.29
C ILE A 66 6.39 -7.56 -2.60
N ALA A 67 6.87 -7.53 -1.36
CA ALA A 67 6.77 -6.29 -0.50
C ALA A 67 8.12 -5.65 -0.70
N LEU A 68 8.12 -4.46 -1.26
CA LEU A 68 9.34 -3.74 -1.50
C LEU A 68 9.60 -2.65 -0.47
N VAL A 69 10.69 -2.85 0.24
CA VAL A 69 11.13 -1.86 1.24
C VAL A 69 11.96 -0.81 0.48
N GLY A 70 11.50 0.44 0.57
CA GLY A 70 12.06 1.58 -0.01
C GLY A 70 13.39 2.10 0.52
N GLY A 71 14.40 1.26 0.74
CA GLY A 71 15.73 1.64 1.19
C GLY A 71 16.43 2.77 0.43
N ALA A 72 16.32 2.72 -0.89
CA ALA A 72 16.89 3.73 -1.77
C ALA A 72 15.98 4.96 -1.90
N THR A 73 14.73 4.79 -2.30
CA THR A 73 13.79 5.88 -2.49
C THR A 73 13.45 6.62 -1.24
N GLY A 74 13.54 5.96 -0.07
CA GLY A 74 13.26 6.62 1.24
C GLY A 74 14.33 7.70 1.50
N LEU A 75 15.43 7.67 0.76
CA LEU A 75 16.56 8.55 0.70
C LEU A 75 16.40 9.71 -0.28
N ILE A 76 15.31 9.77 -1.02
CA ILE A 76 15.03 10.80 -2.01
C ILE A 76 13.75 11.56 -1.63
N GLY A 77 12.71 10.76 -1.44
CA GLY A 77 11.36 11.10 -1.08
C GLY A 77 10.35 11.42 -2.13
N ASP A 78 9.23 10.81 -2.06
CA ASP A 78 8.08 10.87 -2.96
C ASP A 78 7.20 12.07 -2.65
N PRO A 79 7.09 13.02 -3.57
CA PRO A 79 6.21 14.20 -3.43
C PRO A 79 4.73 13.85 -3.55
N SER A 80 4.49 12.61 -4.02
CA SER A 80 3.15 12.10 -4.27
C SER A 80 2.30 12.28 -3.02
N GLY A 81 1.18 13.01 -3.13
CA GLY A 81 0.29 13.16 -1.96
C GLY A 81 0.76 14.07 -0.86
N LYS A 82 1.84 14.76 -1.12
CA LYS A 82 2.53 15.71 -0.29
C LYS A 82 2.42 17.07 -0.94
N LYS A 83 1.91 18.05 -0.21
CA LYS A 83 1.76 19.43 -0.65
C LYS A 83 3.07 20.15 -0.50
N SER A 84 3.94 19.61 0.33
CA SER A 84 5.24 20.22 0.60
C SER A 84 6.46 19.33 0.51
N GLU A 85 7.53 20.02 0.13
CA GLU A 85 8.86 19.40 -0.03
C GLU A 85 9.12 18.82 1.33
N ARG A 86 9.73 17.69 1.43
CA ARG A 86 10.06 17.04 2.68
C ARG A 86 11.56 17.20 2.92
N THR A 87 11.94 16.92 4.17
CA THR A 87 13.34 16.96 4.56
C THR A 87 13.90 15.52 4.30
N LEU A 88 15.15 15.65 3.95
CA LEU A 88 15.96 14.47 3.64
C LEU A 88 16.34 13.84 4.98
N ASN A 89 16.11 12.57 5.09
CA ASN A 89 16.48 11.80 6.28
C ASN A 89 17.89 11.26 5.97
N ALA A 90 18.59 10.85 7.02
CA ALA A 90 19.97 10.40 6.78
C ALA A 90 19.95 8.94 6.45
N LYS A 91 20.94 8.41 5.78
CA LYS A 91 21.08 7.01 5.44
C LYS A 91 20.96 6.10 6.67
N GLU A 92 21.55 6.55 7.77
CA GLU A 92 21.58 5.81 9.05
C GLU A 92 20.14 5.71 9.58
N THR A 93 19.46 6.82 9.45
CA THR A 93 18.05 6.78 9.91
C THR A 93 17.22 5.83 9.11
N VAL A 94 17.23 6.07 7.81
CA VAL A 94 16.48 5.26 6.83
C VAL A 94 16.82 3.79 6.92
N GLU A 95 18.12 3.56 6.99
CA GLU A 95 18.65 2.18 7.09
C GLU A 95 18.09 1.51 8.30
N ALA A 96 17.96 2.17 9.43
CA ALA A 96 17.45 1.60 10.67
C ALA A 96 15.97 1.37 10.63
N TRP A 97 15.28 2.35 10.00
CA TRP A 97 13.82 2.25 9.87
C TRP A 97 13.45 1.13 8.91
N SER A 98 14.22 0.87 7.90
CA SER A 98 13.96 -0.19 6.93
C SER A 98 13.83 -1.57 7.57
N ALA A 99 14.71 -1.85 8.53
CA ALA A 99 14.79 -3.10 9.27
C ALA A 99 13.54 -3.48 10.02
N ARG A 100 12.84 -2.49 10.56
CA ARG A 100 11.63 -2.62 11.34
C ARG A 100 10.38 -2.84 10.49
N ILE A 101 10.37 -1.98 9.48
CA ILE A 101 9.30 -1.92 8.46
C ILE A 101 9.31 -3.30 7.83
N LYS A 102 10.50 -3.81 7.57
CA LYS A 102 10.64 -5.15 7.01
C LYS A 102 9.88 -6.10 7.96
N GLU A 103 10.13 -5.95 9.23
CA GLU A 103 9.54 -6.79 10.29
C GLU A 103 8.03 -6.66 10.29
N GLN A 104 7.44 -5.51 10.38
CA GLN A 104 5.96 -5.46 10.31
C GLN A 104 5.43 -5.94 8.98
N LEU A 105 6.16 -5.76 7.88
CA LEU A 105 5.56 -6.23 6.60
C LEU A 105 5.32 -7.73 6.66
N GLY A 106 6.29 -8.52 6.95
CA GLY A 106 6.28 -9.95 7.04
C GLY A 106 5.16 -10.57 7.84
N ARG A 107 4.49 -9.85 8.70
CA ARG A 107 3.41 -10.28 9.54
C ARG A 107 2.17 -10.62 8.67
N PHE A 108 1.97 -9.77 7.71
CA PHE A 108 0.80 -9.89 6.84
C PHE A 108 0.87 -10.86 5.71
N LEU A 109 2.00 -11.40 5.31
CA LEU A 109 2.22 -12.33 4.20
C LEU A 109 2.69 -13.73 4.58
N ASP A 110 2.43 -14.64 3.65
CA ASP A 110 2.79 -16.07 3.73
C ASP A 110 4.07 -16.39 3.00
N PHE A 111 4.96 -16.96 3.77
CA PHE A 111 6.31 -17.38 3.46
C PHE A 111 6.45 -18.90 3.38
N GLU A 112 5.46 -19.63 3.86
CA GLU A 112 5.49 -21.09 3.84
C GLU A 112 4.93 -21.80 2.61
N ALA A 113 4.02 -21.10 1.98
CA ALA A 113 3.31 -21.49 0.79
C ALA A 113 4.36 -21.87 -0.25
N ASP A 114 4.08 -22.91 -0.99
CA ASP A 114 5.06 -23.33 -2.04
C ASP A 114 4.36 -22.95 -3.35
N GLY A 115 4.99 -22.19 -4.18
CA GLY A 115 4.25 -21.84 -5.45
C GLY A 115 4.05 -20.33 -5.32
N ASN A 116 3.43 -19.88 -4.21
CA ASN A 116 3.32 -18.41 -4.13
C ASN A 116 3.79 -17.77 -2.86
N PRO A 117 4.94 -18.17 -2.30
CA PRO A 117 5.42 -17.54 -1.06
C PRO A 117 5.89 -16.13 -1.39
N ALA A 118 5.72 -15.25 -0.44
CA ALA A 118 6.16 -13.83 -0.60
C ALA A 118 7.67 -13.71 -0.58
N LYS A 119 8.11 -12.51 -0.97
CA LYS A 119 9.43 -12.00 -0.99
C LYS A 119 9.32 -10.56 -0.39
N ILE A 120 10.32 -10.18 0.38
CA ILE A 120 10.43 -8.84 0.96
C ILE A 120 11.77 -8.42 0.31
N LYS A 121 11.81 -7.26 -0.24
CA LYS A 121 13.00 -6.84 -0.99
C LYS A 121 13.30 -5.41 -0.70
N ASN A 122 14.49 -4.93 -0.96
CA ASN A 122 14.98 -3.58 -0.71
C ASN A 122 15.62 -3.08 -2.01
N ASN A 123 15.07 -2.00 -2.50
CA ASN A 123 15.55 -1.32 -3.73
C ASN A 123 16.91 -0.70 -3.55
N TYR A 124 17.48 -0.73 -2.35
CA TYR A 124 18.80 -0.20 -2.11
C TYR A 124 19.83 -1.06 -2.85
N ASP A 125 19.50 -2.36 -2.88
CA ASP A 125 20.29 -3.41 -3.52
C ASP A 125 20.60 -3.13 -4.98
N TRP A 126 19.71 -2.51 -5.72
CA TRP A 126 19.94 -2.24 -7.13
C TRP A 126 20.04 -0.72 -7.28
N ILE A 127 19.51 0.08 -6.41
CA ILE A 127 19.73 1.53 -6.63
C ILE A 127 21.01 2.03 -5.99
N GLY A 128 21.37 1.48 -4.82
CA GLY A 128 22.53 1.87 -4.07
C GLY A 128 23.74 1.96 -4.98
N PRO A 129 24.06 0.86 -5.62
CA PRO A 129 25.18 0.77 -6.53
C PRO A 129 25.12 1.34 -7.91
N LEU A 130 24.08 1.96 -8.35
CA LEU A 130 23.94 2.53 -9.70
C LEU A 130 24.58 3.88 -9.73
N ASP A 131 25.39 4.10 -10.76
CA ASP A 131 26.10 5.34 -11.05
C ASP A 131 25.11 6.26 -11.81
N VAL A 132 25.40 7.54 -11.54
CA VAL A 132 24.52 8.61 -12.06
C VAL A 132 24.39 8.56 -13.57
N ILE A 133 25.50 8.41 -14.26
CA ILE A 133 25.63 8.39 -15.68
C ILE A 133 24.75 7.31 -16.31
N THR A 134 24.75 6.17 -15.71
CA THR A 134 24.00 4.98 -16.10
C THR A 134 22.51 5.22 -15.98
N PHE A 135 22.24 5.80 -14.83
CA PHE A 135 20.86 6.22 -14.49
C PHE A 135 20.29 7.23 -15.48
N LEU A 136 21.14 8.25 -15.75
CA LEU A 136 20.71 9.30 -16.66
C LEU A 136 20.47 8.78 -18.07
N ARG A 137 21.33 7.89 -18.52
CA ARG A 137 21.27 7.31 -19.86
C ARG A 137 20.29 6.16 -20.02
N ASP A 138 20.39 5.15 -19.22
CA ASP A 138 19.56 3.96 -19.25
C ASP A 138 18.13 4.26 -18.81
N VAL A 139 17.92 5.17 -17.90
CA VAL A 139 16.51 5.42 -17.46
C VAL A 139 16.07 6.74 -18.04
N GLY A 140 16.85 7.77 -17.76
CA GLY A 140 16.46 9.10 -18.25
C GLY A 140 16.22 9.31 -19.71
N LYS A 141 16.91 8.63 -20.63
CA LYS A 141 16.66 8.90 -22.07
C LYS A 141 15.24 8.59 -22.49
N HIS A 142 14.57 7.70 -21.75
CA HIS A 142 13.24 7.22 -21.99
C HIS A 142 12.15 8.17 -21.62
N PHE A 143 12.43 9.24 -20.90
CA PHE A 143 11.41 10.18 -20.45
C PHE A 143 11.65 11.63 -20.89
N SER A 144 10.61 12.26 -21.38
CA SER A 144 10.72 13.67 -21.75
C SER A 144 10.26 14.43 -20.49
N VAL A 145 10.74 15.60 -20.28
CA VAL A 145 10.40 16.48 -19.16
C VAL A 145 8.93 16.82 -19.14
N ASN A 146 8.34 16.86 -20.30
CA ASN A 146 6.92 17.18 -20.57
C ASN A 146 5.96 16.08 -20.11
N TYR A 147 6.34 14.86 -20.19
CA TYR A 147 5.63 13.68 -19.77
C TYR A 147 5.60 13.71 -18.24
N MET A 148 6.79 14.00 -17.70
CA MET A 148 6.99 14.06 -16.24
C MET A 148 6.30 15.23 -15.55
N MET A 149 6.20 16.39 -16.12
CA MET A 149 5.64 17.60 -15.58
C MET A 149 4.11 17.57 -15.44
N ALA A 150 3.48 16.77 -16.29
CA ALA A 150 2.06 16.59 -16.34
C ALA A 150 1.57 15.64 -15.24
N LYS A 151 2.47 14.94 -14.60
CA LYS A 151 2.19 14.01 -13.54
C LYS A 151 1.55 14.79 -12.38
N GLU A 152 0.48 14.14 -11.90
CA GLU A 152 -0.27 14.70 -10.77
C GLU A 152 0.67 15.09 -9.65
N SER A 153 1.60 14.25 -9.24
CA SER A 153 2.55 14.55 -8.16
C SER A 153 3.39 15.81 -8.32
N VAL A 154 3.66 16.12 -9.58
CA VAL A 154 4.49 17.28 -9.96
C VAL A 154 3.60 18.47 -10.36
N GLN A 155 2.61 18.25 -11.22
CA GLN A 155 1.72 19.33 -11.63
C GLN A 155 1.34 20.05 -10.33
N SER A 156 0.88 19.27 -9.37
CA SER A 156 0.50 19.51 -8.04
C SER A 156 1.33 20.50 -7.25
N ARG A 157 2.62 20.58 -7.59
CA ARG A 157 3.65 21.36 -6.95
C ARG A 157 4.56 22.36 -7.57
N ILE A 158 4.57 22.75 -8.80
CA ILE A 158 5.58 23.68 -9.34
C ILE A 158 5.61 25.14 -8.96
N GLU A 159 4.51 25.64 -8.47
CA GLU A 159 4.22 26.98 -7.94
C GLU A 159 4.60 26.91 -6.46
N THR A 160 4.10 25.82 -5.90
CA THR A 160 4.35 25.37 -4.54
C THR A 160 5.87 25.20 -4.49
N GLY A 161 6.45 24.60 -5.51
CA GLY A 161 7.88 24.38 -5.67
C GLY A 161 8.20 22.89 -5.42
N ILE A 162 9.26 22.45 -6.07
CA ILE A 162 9.71 21.07 -5.95
C ILE A 162 11.16 21.03 -6.44
N SER A 163 12.02 20.43 -5.65
CA SER A 163 13.41 20.30 -6.06
C SER A 163 13.52 19.27 -7.17
N PHE A 164 14.69 19.29 -7.81
CA PHE A 164 15.03 18.28 -8.84
C PHE A 164 15.01 16.90 -8.19
N THR A 165 15.43 16.73 -6.97
CA THR A 165 15.50 15.55 -6.11
C THR A 165 14.14 14.82 -6.09
N GLU A 166 13.11 15.52 -5.63
CA GLU A 166 11.77 14.93 -5.59
C GLU A 166 11.17 14.75 -6.97
N PHE A 167 11.48 15.61 -7.92
CA PHE A 167 11.00 15.57 -9.29
C PHE A 167 11.43 14.25 -9.95
N SER A 168 12.59 13.77 -9.67
CA SER A 168 13.24 12.56 -10.13
C SER A 168 12.87 11.26 -9.45
N TYR A 169 12.25 11.42 -8.27
CA TYR A 169 11.80 10.23 -7.56
C TYR A 169 11.14 9.18 -8.49
N MET A 170 10.25 9.71 -9.34
CA MET A 170 9.45 8.90 -10.25
C MET A 170 10.30 8.02 -11.13
N MET A 171 11.47 8.48 -11.54
CA MET A 171 12.38 7.63 -12.37
C MET A 171 12.82 6.37 -11.60
N LEU A 172 13.11 6.53 -10.31
CA LEU A 172 13.58 5.46 -9.40
C LEU A 172 12.47 4.43 -9.20
N GLN A 173 11.24 4.83 -8.91
CA GLN A 173 10.13 3.86 -8.82
C GLN A 173 9.95 3.19 -10.24
N ALA A 174 10.04 3.99 -11.32
CA ALA A 174 9.93 3.49 -12.68
C ALA A 174 10.83 2.27 -12.87
N TYR A 175 12.08 2.55 -12.46
CA TYR A 175 13.21 1.62 -12.47
C TYR A 175 12.98 0.41 -11.61
N ASP A 176 12.40 0.56 -10.43
CA ASP A 176 12.07 -0.63 -9.63
C ASP A 176 11.16 -1.62 -10.40
N PHE A 177 10.09 -1.12 -11.00
CA PHE A 177 9.10 -1.89 -11.74
C PHE A 177 9.83 -2.70 -12.80
N LEU A 178 10.69 -2.02 -13.56
CA LEU A 178 11.49 -2.69 -14.61
C LEU A 178 12.37 -3.82 -14.10
N ARG A 179 13.11 -3.54 -13.03
CA ARG A 179 14.02 -4.58 -12.47
C ARG A 179 13.38 -5.84 -11.97
N LEU A 180 12.23 -5.70 -11.34
CA LEU A 180 11.31 -6.64 -10.76
C LEU A 180 10.54 -7.41 -11.83
N TYR A 181 10.22 -6.66 -12.89
CA TYR A 181 9.58 -7.23 -14.07
C TYR A 181 10.59 -8.26 -14.63
N GLU A 182 11.83 -7.82 -14.75
CA GLU A 182 12.92 -8.60 -15.29
C GLU A 182 13.37 -9.75 -14.45
N THR A 183 13.79 -9.58 -13.21
CA THR A 183 14.26 -10.58 -12.32
C THR A 183 13.23 -11.41 -11.57
N GLU A 184 12.00 -10.90 -11.51
CA GLU A 184 10.97 -11.66 -10.75
C GLU A 184 9.76 -11.97 -11.54
N GLY A 185 9.77 -11.55 -12.82
CA GLY A 185 8.56 -11.79 -13.64
C GLY A 185 7.41 -10.93 -13.13
N CYS A 186 7.71 -9.81 -12.43
CA CYS A 186 6.63 -8.96 -11.92
C CYS A 186 5.79 -8.34 -13.03
N ARG A 187 4.47 -8.57 -12.99
CA ARG A 187 3.50 -8.08 -13.96
C ARG A 187 2.47 -7.09 -13.50
N LEU A 188 2.44 -6.90 -12.19
CA LEU A 188 1.49 -6.01 -11.59
C LEU A 188 2.14 -5.27 -10.42
N GLN A 189 1.86 -3.96 -10.45
CA GLN A 189 2.27 -3.12 -9.35
C GLN A 189 0.95 -2.57 -8.75
N ILE A 190 0.85 -2.55 -7.42
CA ILE A 190 -0.32 -1.93 -6.76
C ILE A 190 0.20 -0.81 -5.84
N GLY A 191 -0.70 0.10 -5.47
CA GLY A 191 -0.28 1.18 -4.58
C GLY A 191 -1.58 1.93 -4.19
N GLY A 192 -1.35 2.91 -3.33
CA GLY A 192 -2.46 3.75 -2.94
C GLY A 192 -2.69 4.66 -4.18
N SER A 193 -3.71 5.47 -4.07
CA SER A 193 -4.33 6.39 -4.91
C SER A 193 -3.42 7.34 -5.67
N ASP A 194 -2.49 7.80 -4.87
CA ASP A 194 -1.48 8.77 -5.21
C ASP A 194 -0.30 8.24 -6.02
N GLN A 195 -0.23 6.92 -6.08
CA GLN A 195 0.88 6.27 -6.80
C GLN A 195 0.60 6.12 -8.28
N TRP A 196 -0.56 6.49 -8.80
CA TRP A 196 -0.96 6.33 -10.20
C TRP A 196 0.18 6.75 -11.13
N GLY A 197 0.61 7.98 -11.04
CA GLY A 197 1.68 8.51 -11.88
C GLY A 197 2.99 7.74 -11.85
N ASN A 198 3.44 7.29 -10.74
CA ASN A 198 4.66 6.57 -10.46
C ASN A 198 4.62 5.15 -11.08
N ILE A 199 3.49 4.60 -11.08
CA ILE A 199 3.16 3.24 -11.59
C ILE A 199 3.12 3.34 -13.11
N THR A 200 2.36 4.30 -13.60
CA THR A 200 2.31 4.44 -15.08
C THR A 200 3.70 4.81 -15.57
N ALA A 201 4.56 5.47 -14.83
CA ALA A 201 5.94 5.77 -15.17
C ALA A 201 6.70 4.45 -15.34
N GLY A 202 6.52 3.44 -14.53
CA GLY A 202 7.17 2.13 -14.60
C GLY A 202 6.75 1.35 -15.84
N LEU A 203 5.50 1.52 -16.23
CA LEU A 203 4.81 1.06 -17.37
C LEU A 203 5.41 1.70 -18.60
N GLU A 204 5.61 2.99 -18.60
CA GLU A 204 6.25 3.74 -19.66
C GLU A 204 7.64 3.16 -19.88
N LEU A 205 8.39 3.03 -18.79
CA LEU A 205 9.72 2.51 -18.87
C LEU A 205 9.78 1.08 -19.39
N ILE A 206 8.91 0.17 -18.99
CA ILE A 206 8.93 -1.23 -19.45
C ILE A 206 8.63 -1.25 -20.98
N ARG A 207 7.52 -0.57 -21.28
CA ARG A 207 7.06 -0.44 -22.64
C ARG A 207 8.22 0.01 -23.53
N LYS A 208 8.87 1.11 -23.18
CA LYS A 208 9.97 1.66 -23.97
C LYS A 208 11.26 0.86 -23.96
N THR A 209 11.43 -0.09 -23.07
CA THR A 209 12.66 -0.89 -23.01
C THR A 209 12.48 -2.30 -23.56
N LYS A 210 11.23 -2.75 -23.58
CA LYS A 210 10.89 -4.08 -24.01
C LYS A 210 9.93 -4.08 -25.19
N GLY A 211 8.90 -3.29 -25.07
CA GLY A 211 7.84 -3.25 -26.09
C GLY A 211 6.99 -4.53 -25.90
N ARG A 214 1.98 -5.57 -21.65
CA ARG A 214 2.41 -6.77 -20.92
C ARG A 214 2.31 -6.78 -19.39
N ALA A 215 2.17 -5.57 -18.82
CA ALA A 215 2.14 -5.36 -17.37
C ALA A 215 1.08 -4.34 -17.03
N PHE A 216 0.66 -4.41 -15.78
CA PHE A 216 -0.47 -3.61 -15.27
C PHE A 216 -0.14 -2.85 -13.98
N GLY A 217 -1.04 -1.96 -13.69
CA GLY A 217 -1.01 -1.13 -12.48
C GLY A 217 -2.45 -1.05 -11.91
N LEU A 218 -2.54 -1.06 -10.61
CA LEU A 218 -3.80 -0.99 -9.89
C LEU A 218 -3.54 -0.13 -8.65
N THR A 219 -4.40 0.82 -8.43
CA THR A 219 -4.36 1.72 -7.27
C THR A 219 -5.63 1.47 -6.42
N ILE A 220 -5.40 1.59 -5.15
CA ILE A 220 -6.39 1.49 -4.09
C ILE A 220 -6.81 2.94 -3.76
N PRO A 221 -8.09 3.17 -3.51
CA PRO A 221 -8.58 4.51 -3.21
C PRO A 221 -8.26 4.93 -1.79
N LEU A 222 -8.22 6.25 -1.71
CA LEU A 222 -7.99 6.93 -0.40
C LEU A 222 -9.19 6.52 0.44
N VAL A 223 -8.98 6.16 1.68
CA VAL A 223 -9.99 5.68 2.61
C VAL A 223 -10.81 6.89 3.09
N THR A 224 -12.12 6.87 2.88
CA THR A 224 -12.95 8.00 3.30
C THR A 224 -13.65 7.87 4.63
N LYS A 225 -14.06 9.04 5.14
CA LYS A 225 -14.82 9.19 6.41
C LYS A 225 -16.13 9.87 5.98
N ALA A 226 -17.30 9.52 6.49
CA ALA A 226 -18.53 10.20 6.06
C ALA A 226 -18.53 11.66 6.52
N ASP A 227 -17.83 11.98 7.60
CA ASP A 227 -17.78 13.37 8.07
C ASP A 227 -16.83 14.22 7.26
N GLY A 228 -16.09 13.69 6.28
CA GLY A 228 -15.18 14.49 5.50
C GLY A 228 -13.86 14.81 6.15
N THR A 229 -13.52 14.11 7.21
CA THR A 229 -12.20 14.35 7.86
C THR A 229 -11.24 13.31 7.28
N LYS A 230 -10.00 13.38 7.66
CA LYS A 230 -8.88 12.55 7.22
C LYS A 230 -8.79 11.21 7.94
N PHE A 231 -9.03 10.11 7.22
CA PHE A 231 -8.95 8.78 7.83
C PHE A 231 -7.61 8.72 8.58
N GLY A 232 -7.67 8.16 9.77
CA GLY A 232 -6.61 7.90 10.68
C GLY A 232 -6.11 9.11 11.43
N LYS A 233 -6.74 10.25 11.19
CA LYS A 233 -6.33 11.49 11.86
C LYS A 233 -7.11 11.62 13.18
N THR A 234 -6.45 11.15 14.20
CA THR A 234 -6.82 11.09 15.62
C THR A 234 -6.32 12.26 16.43
N GLU A 235 -6.91 12.40 17.61
CA GLU A 235 -6.47 13.52 18.51
C GLU A 235 -5.20 13.07 19.21
N SER A 236 -5.12 11.75 19.30
CA SER A 236 -3.99 11.05 19.87
C SER A 236 -2.79 11.15 18.91
N GLY A 237 -3.00 11.30 17.64
CA GLY A 237 -1.90 11.37 16.64
C GLY A 237 -2.09 10.02 15.95
N THR A 238 -1.15 9.57 15.19
CA THR A 238 -1.13 8.34 14.37
C THR A 238 -1.35 7.04 15.08
N ILE A 239 -2.13 6.21 14.44
CA ILE A 239 -2.37 4.84 14.97
C ILE A 239 -1.31 3.98 14.28
N TRP A 240 -0.24 3.65 14.98
CA TRP A 240 0.87 2.89 14.47
C TRP A 240 0.55 1.40 14.56
N LEU A 241 1.29 0.59 13.81
CA LEU A 241 1.24 -0.85 13.81
C LEU A 241 2.25 -1.40 14.83
N ASP A 242 3.04 -0.53 15.40
CA ASP A 242 4.05 -0.95 16.41
C ASP A 242 3.27 -0.86 17.72
N LYS A 243 3.21 -1.97 18.42
CA LYS A 243 2.45 -2.06 19.69
C LYS A 243 3.08 -1.23 20.78
N GLU A 244 4.30 -0.78 20.60
CA GLU A 244 5.06 0.05 21.50
C GLU A 244 4.86 1.53 21.27
N LYS A 245 4.21 1.83 20.15
CA LYS A 245 3.91 3.24 19.84
C LYS A 245 2.40 3.41 20.08
N THR A 246 1.62 2.44 19.65
CA THR A 246 0.18 2.41 19.80
C THR A 246 -0.13 0.99 20.32
N SER A 247 -0.50 0.97 21.56
CA SER A 247 -0.79 -0.30 22.23
C SER A 247 -2.02 -0.91 21.58
N PRO A 248 -2.06 -2.21 21.72
CA PRO A 248 -3.16 -3.06 21.23
C PRO A 248 -4.49 -2.54 21.75
N TYR A 249 -4.53 -2.06 22.95
CA TYR A 249 -5.72 -1.47 23.59
C TYR A 249 -6.16 -0.21 22.83
N GLU A 250 -5.28 0.73 22.54
CA GLU A 250 -5.53 1.92 21.78
C GLU A 250 -5.89 1.61 20.32
N PHE A 251 -5.21 0.65 19.76
CA PHE A 251 -5.40 0.15 18.36
C PHE A 251 -6.87 -0.26 18.27
N TYR A 252 -7.26 -1.14 19.19
CA TYR A 252 -8.57 -1.70 19.40
C TYR A 252 -9.65 -0.66 19.59
N GLN A 253 -9.39 0.30 20.44
CA GLN A 253 -10.33 1.41 20.71
C GLN A 253 -10.62 2.21 19.47
N PHE A 254 -9.52 2.51 18.75
CA PHE A 254 -9.66 3.28 17.52
C PHE A 254 -10.70 2.65 16.60
N TRP A 255 -10.68 1.35 16.35
CA TRP A 255 -11.62 0.66 15.46
C TRP A 255 -13.00 0.59 16.08
N ILE A 256 -13.01 0.32 17.38
CA ILE A 256 -14.29 0.24 18.11
C ILE A 256 -15.02 1.59 18.06
N ASN A 257 -14.34 2.72 17.93
CA ASN A 257 -14.98 4.01 17.79
C ASN A 257 -15.33 4.32 16.33
N THR A 258 -15.36 3.35 15.42
CA THR A 258 -15.75 3.70 14.04
C THR A 258 -17.19 4.17 14.07
N ASP A 259 -17.37 5.24 13.38
CA ASP A 259 -18.69 5.89 13.20
C ASP A 259 -19.53 4.90 12.41
N ASP A 260 -20.79 4.83 12.77
CA ASP A 260 -21.80 3.98 12.12
C ASP A 260 -21.78 4.18 10.60
N ARG A 261 -21.55 5.39 10.16
CA ARG A 261 -21.46 5.80 8.77
C ARG A 261 -20.27 5.14 8.05
N ASP A 262 -19.17 4.84 8.74
CA ASP A 262 -18.00 4.26 8.12
C ASP A 262 -17.78 2.76 8.28
N VAL A 263 -18.30 2.22 9.37
CA VAL A 263 -18.07 0.84 9.71
C VAL A 263 -18.20 -0.15 8.57
N ILE A 264 -19.25 -0.07 7.78
CA ILE A 264 -19.48 -1.00 6.67
C ILE A 264 -18.42 -0.82 5.58
N ARG A 265 -17.95 0.34 5.23
CA ARG A 265 -16.88 0.50 4.25
C ARG A 265 -15.56 -0.06 4.82
N TYR A 266 -15.34 0.06 6.10
CA TYR A 266 -14.11 -0.38 6.75
C TYR A 266 -14.01 -1.87 6.90
N LEU A 267 -15.13 -2.55 7.04
CA LEU A 267 -15.20 -4.01 7.16
C LEU A 267 -14.75 -4.66 5.87
N LYS A 268 -15.17 -4.11 4.79
CA LYS A 268 -14.92 -4.47 3.39
C LYS A 268 -13.47 -4.26 2.98
N TYR A 269 -12.95 -3.13 3.39
CA TYR A 269 -11.57 -2.75 3.19
C TYR A 269 -10.50 -3.49 3.97
N PHE A 270 -10.75 -3.56 5.25
CA PHE A 270 -9.84 -4.08 6.25
C PHE A 270 -10.04 -5.49 6.74
N THR A 271 -11.13 -6.14 6.43
CA THR A 271 -11.30 -7.51 6.96
C THR A 271 -11.43 -8.60 5.90
N PHE A 272 -11.29 -9.83 6.38
CA PHE A 272 -11.42 -11.05 5.57
C PHE A 272 -12.80 -11.70 5.75
N LEU A 273 -13.80 -10.96 6.24
CA LEU A 273 -15.19 -11.39 6.38
C LEU A 273 -15.80 -11.47 4.93
N SER A 274 -16.68 -12.49 4.79
CA SER A 274 -17.29 -12.68 3.46
C SER A 274 -18.30 -11.57 3.26
N LYS A 275 -18.82 -11.61 2.07
CA LYS A 275 -19.82 -10.66 1.54
C LYS A 275 -21.09 -10.86 2.34
N GLU A 276 -21.38 -12.14 2.49
CA GLU A 276 -22.56 -12.54 3.25
C GLU A 276 -22.35 -12.20 4.70
N GLU A 277 -21.15 -12.24 5.27
CA GLU A 277 -21.00 -11.85 6.69
C GLU A 277 -21.12 -10.34 6.80
N ILE A 278 -20.50 -9.64 5.88
CA ILE A 278 -20.53 -8.18 5.86
C ILE A 278 -21.96 -7.70 5.69
N GLU A 279 -22.76 -8.32 4.84
CA GLU A 279 -24.15 -7.92 4.57
C GLU A 279 -25.05 -8.06 5.77
N ALA A 280 -24.91 -9.21 6.39
CA ALA A 280 -25.56 -9.57 7.61
C ALA A 280 -25.30 -8.50 8.66
N LEU A 281 -24.06 -8.03 8.77
CA LEU A 281 -23.68 -6.97 9.75
C LEU A 281 -24.36 -5.66 9.39
N GLU A 282 -24.53 -5.47 8.07
CA GLU A 282 -25.18 -4.28 7.58
C GLU A 282 -26.64 -4.14 8.02
N GLN A 283 -27.29 -5.27 8.05
CA GLN A 283 -28.71 -5.41 8.47
C GLN A 283 -28.77 -5.30 9.99
N GLU A 284 -27.79 -5.82 10.72
CA GLU A 284 -27.72 -5.72 12.17
C GLU A 284 -27.47 -4.29 12.63
N LEU A 285 -26.76 -3.51 11.83
CA LEU A 285 -26.46 -2.10 12.06
C LEU A 285 -27.72 -1.26 11.85
N ARG A 286 -28.54 -1.72 10.94
CA ARG A 286 -29.81 -1.09 10.62
C ARG A 286 -30.77 -1.23 11.80
N GLU A 287 -30.93 -2.47 12.18
CA GLU A 287 -31.82 -2.97 13.17
C GLU A 287 -31.41 -2.78 14.60
N ALA A 288 -30.15 -2.83 14.93
CA ALA A 288 -29.70 -2.66 16.33
C ALA A 288 -28.38 -1.92 16.43
N PRO A 289 -28.37 -0.64 16.10
CA PRO A 289 -27.17 0.17 16.07
C PRO A 289 -26.57 0.57 17.39
N GLU A 290 -27.25 0.28 18.49
CA GLU A 290 -26.67 0.64 19.81
C GLU A 290 -25.87 -0.55 20.35
N LYS A 291 -26.07 -1.72 19.76
CA LYS A 291 -25.35 -2.93 20.12
C LYS A 291 -23.86 -2.89 19.72
N ARG A 292 -23.62 -2.21 18.62
CA ARG A 292 -22.30 -1.99 18.03
C ARG A 292 -21.56 -3.22 17.57
N ALA A 293 -22.27 -4.17 17.01
CA ALA A 293 -21.80 -5.46 16.49
C ALA A 293 -20.80 -5.35 15.35
N ALA A 294 -21.06 -4.46 14.40
CA ALA A 294 -20.19 -4.18 13.23
C ALA A 294 -18.87 -3.59 13.77
N GLN A 295 -18.96 -2.67 14.73
CA GLN A 295 -17.81 -2.05 15.39
C GLN A 295 -16.98 -3.04 16.19
N LYS A 296 -17.55 -4.01 16.89
CA LYS A 296 -16.66 -4.95 17.64
C LYS A 296 -15.98 -5.93 16.70
N THR A 297 -16.70 -6.42 15.70
CA THR A 297 -16.20 -7.37 14.69
C THR A 297 -15.02 -6.75 13.92
N LEU A 298 -15.16 -5.46 13.59
CA LEU A 298 -14.06 -4.81 12.89
C LEU A 298 -12.82 -4.78 13.80
N ALA A 299 -13.04 -4.23 15.01
CA ALA A 299 -12.01 -4.11 16.05
C ALA A 299 -11.31 -5.40 16.35
N GLU A 300 -12.03 -6.51 16.48
CA GLU A 300 -11.43 -7.83 16.75
C GLU A 300 -10.60 -8.40 15.61
N GLU A 301 -11.15 -8.33 14.42
CA GLU A 301 -10.61 -8.78 13.15
C GLU A 301 -9.28 -8.11 12.84
N VAL A 302 -9.33 -6.79 12.85
CA VAL A 302 -8.14 -5.96 12.56
C VAL A 302 -7.12 -6.08 13.67
N THR A 303 -7.47 -6.04 14.94
CA THR A 303 -6.48 -6.22 16.01
C THR A 303 -5.79 -7.58 15.97
N LYS A 304 -6.50 -8.62 15.63
CA LYS A 304 -5.97 -9.97 15.52
C LYS A 304 -4.97 -10.04 14.36
N LEU A 305 -5.37 -9.42 13.24
CA LEU A 305 -4.57 -9.37 12.03
C LEU A 305 -3.20 -8.82 12.37
N VAL A 306 -3.23 -7.63 12.90
CA VAL A 306 -2.06 -6.86 13.25
C VAL A 306 -1.32 -7.28 14.49
N HIS A 307 -2.08 -7.52 15.56
CA HIS A 307 -1.34 -7.88 16.79
C HIS A 307 -1.54 -9.32 17.22
N GLY A 308 -2.52 -10.03 16.71
CA GLY A 308 -2.73 -11.43 17.13
C GLY A 308 -3.73 -11.43 18.30
N GLU A 309 -4.30 -12.61 18.53
CA GLU A 309 -5.29 -13.04 19.48
C GLU A 309 -5.09 -12.72 20.94
N GLU A 310 -3.89 -12.94 21.42
CA GLU A 310 -3.54 -12.70 22.84
C GLU A 310 -3.57 -11.20 23.10
N ALA A 311 -2.99 -10.52 22.12
CA ALA A 311 -2.97 -9.04 22.11
C ALA A 311 -4.41 -8.54 22.13
N LEU A 312 -5.30 -9.14 21.34
CA LEU A 312 -6.72 -8.79 21.29
C LEU A 312 -7.45 -9.06 22.61
N ARG A 313 -7.09 -10.19 23.20
CA ARG A 313 -7.62 -10.70 24.47
C ARG A 313 -7.38 -9.68 25.59
N GLN A 314 -6.20 -9.11 25.56
CA GLN A 314 -5.79 -8.11 26.52
C GLN A 314 -6.58 -6.82 26.34
N ALA A 315 -6.64 -6.45 25.07
CA ALA A 315 -7.34 -5.23 24.65
C ALA A 315 -8.80 -5.21 25.15
N ILE A 316 -9.36 -6.41 25.01
CA ILE A 316 -10.73 -6.69 25.37
C ILE A 316 -10.93 -6.65 26.88
N ARG A 317 -10.01 -7.33 27.56
CA ARG A 317 -10.10 -7.40 29.05
C ARG A 317 -9.68 -6.06 29.60
N ILE A 318 -8.79 -5.32 28.95
CA ILE A 318 -8.45 -3.97 29.40
C ILE A 318 -9.64 -3.02 29.17
N SER A 319 -10.50 -3.30 28.20
CA SER A 319 -11.62 -2.38 27.92
C SER A 319 -12.79 -2.42 28.89
#